data_3VWV
#
_entry.id   3VWV
#
_cell.length_a   104.321
_cell.length_b   104.321
_cell.length_c   84.228
_cell.angle_alpha   90.00
_cell.angle_beta   90.00
_cell.angle_gamma   90.00
#
_symmetry.space_group_name_H-M   'I 4'
#
loop_
_entity.id
_entity.type
_entity.pdbx_description
1 polymer Peroxiredoxin-4
2 non-polymer 'PENTAETHYLENE GLYCOL'
3 non-polymer 'ACETIC ACID'
4 water water
#
_entity_poly.entity_id   1
_entity_poly.type   'polypeptide(L)'
_entity_poly.pdbx_seq_one_letter_code
;MGSSHHHHHHSSGLVPRGSHMPAPYWEGTAVINGEFKELKLTDYRGKYLVFFFYPLDFTFVCPTEIIAFGDRIEEFKSIN
TEVVACSVDSQFTHLAWINTPRRQGGLGPIRIPLLSDLNHQISKDYGVYLEDSGHTLRGLFIIDDKGVLRQITLNDLPVG
RSVDETLRLVQAFQYTDKHGEVCPAGWKPGSETIIPDPAGKLKYFDKLN
;
_entity_poly.pdbx_strand_id   A,B
#
loop_
_chem_comp.id
_chem_comp.type
_chem_comp.name
_chem_comp.formula
1PE non-polymer 'PENTAETHYLENE GLYCOL' 'C10 H22 O6'
ACY non-polymer 'ACETIC ACID' 'C2 H4 O2'
#
# COMPACT_ATOMS: atom_id res chain seq x y z
N HIS A 9 -15.14 -3.63 11.62
CA HIS A 9 -15.01 -4.16 10.25
C HIS A 9 -15.94 -3.46 9.26
N HIS A 10 -15.61 -3.58 7.98
CA HIS A 10 -16.54 -3.24 6.91
C HIS A 10 -16.32 -4.30 5.84
N SER A 11 -17.18 -4.30 4.82
CA SER A 11 -17.01 -5.20 3.68
C SER A 11 -16.17 -4.53 2.61
N SER A 12 -15.32 -5.30 1.94
CA SER A 12 -14.60 -4.79 0.76
C SER A 12 -14.31 -5.96 -0.18
N GLY A 13 -13.89 -5.63 -1.41
CA GLY A 13 -13.61 -6.63 -2.42
C GLY A 13 -12.15 -7.08 -2.39
N LEU A 14 -11.37 -6.53 -1.46
CA LEU A 14 -9.95 -6.90 -1.34
C LEU A 14 -9.80 -8.21 -0.59
N VAL A 15 -10.02 -9.31 -1.30
CA VAL A 15 -10.02 -10.62 -0.67
C VAL A 15 -8.76 -11.42 -1.03
N PRO A 16 -7.95 -11.80 -0.01
CA PRO A 16 -6.78 -12.62 -0.29
C PRO A 16 -7.23 -13.95 -0.87
N ARG A 17 -6.59 -14.40 -1.93
CA ARG A 17 -6.91 -15.67 -2.56
C ARG A 17 -5.62 -16.33 -2.98
N GLY A 18 -5.48 -17.62 -2.67
CA GLY A 18 -4.29 -18.35 -3.03
C GLY A 18 -3.13 -17.87 -2.18
N SER A 19 -2.20 -17.15 -2.81
CA SER A 19 -1.11 -16.53 -2.09
C SER A 19 -0.94 -15.10 -2.54
N HIS A 20 -2.02 -14.54 -3.09
N HIS A 20 -2.02 -14.51 -3.05
CA HIS A 20 -1.99 -13.17 -3.60
CA HIS A 20 -1.95 -13.12 -3.40
C HIS A 20 -3.30 -12.46 -3.26
C HIS A 20 -3.31 -12.47 -3.30
N MET A 21 -3.37 -11.20 -3.63
CA MET A 21 -4.58 -10.44 -3.54
CA MET A 21 -4.60 -10.47 -3.56
C MET A 21 -4.96 -9.94 -4.93
N PRO A 22 -5.87 -10.64 -5.61
CA PRO A 22 -6.29 -10.14 -6.94
C PRO A 22 -6.96 -8.77 -6.84
N ALA A 23 -6.71 -7.87 -7.80
CA ALA A 23 -7.39 -6.58 -7.81
C ALA A 23 -8.85 -6.80 -8.19
N PRO A 24 -9.80 -6.20 -7.45
CA PRO A 24 -11.21 -6.44 -7.78
C PRO A 24 -11.53 -5.93 -9.20
N TYR A 25 -12.35 -6.68 -9.94
CA TYR A 25 -12.81 -6.19 -11.24
C TYR A 25 -13.52 -4.85 -11.09
N TRP A 26 -13.34 -3.99 -12.08
CA TRP A 26 -14.14 -2.75 -12.18
C TRP A 26 -14.48 -2.45 -13.62
N GLU A 27 -15.57 -1.72 -13.83
CA GLU A 27 -15.90 -1.18 -15.15
C GLU A 27 -16.65 0.10 -14.89
N GLY A 28 -16.50 1.09 -15.78
CA GLY A 28 -17.28 2.29 -15.66
C GLY A 28 -16.98 3.21 -16.81
N THR A 29 -17.59 4.39 -16.79
CA THR A 29 -17.40 5.37 -17.86
C THR A 29 -16.27 6.32 -17.49
N ALA A 30 -15.32 6.45 -18.40
CA ALA A 30 -14.22 7.37 -18.18
C ALA A 30 -14.23 8.48 -19.25
N VAL A 31 -13.50 9.57 -18.96
CA VAL A 31 -13.22 10.59 -19.97
C VAL A 31 -11.81 10.38 -20.48
N ILE A 32 -11.71 10.12 -21.77
CA ILE A 32 -10.43 9.94 -22.45
C ILE A 32 -10.40 10.82 -23.69
N ASN A 33 -9.33 11.61 -23.83
CA ASN A 33 -9.21 12.56 -24.93
C ASN A 33 -10.48 13.40 -25.05
N GLY A 34 -11.06 13.84 -23.95
CA GLY A 34 -12.24 14.69 -24.03
C GLY A 34 -13.54 13.99 -24.41
N GLU A 35 -13.54 12.65 -24.44
CA GLU A 35 -14.73 11.89 -24.87
C GLU A 35 -15.05 10.77 -23.88
N PHE A 36 -16.31 10.35 -23.84
CA PHE A 36 -16.68 9.31 -22.87
C PHE A 36 -16.36 7.94 -23.46
N LYS A 37 -15.79 7.07 -22.64
CA LYS A 37 -15.46 5.74 -23.12
C LYS A 37 -15.70 4.75 -21.98
N GLU A 38 -16.30 3.62 -22.28
CA GLU A 38 -16.45 2.60 -21.23
C GLU A 38 -15.10 1.88 -21.03
N LEU A 39 -14.64 1.78 -19.79
CA LEU A 39 -13.33 1.24 -19.48
C LEU A 39 -13.52 0.08 -18.48
N LYS A 40 -12.65 -0.93 -18.50
CA LYS A 40 -12.71 -1.98 -17.49
C LYS A 40 -11.32 -2.43 -17.11
N LEU A 41 -11.21 -3.03 -15.93
CA LEU A 41 -9.92 -3.44 -15.40
C LEU A 41 -9.23 -4.37 -16.39
N THR A 42 -10.03 -5.23 -17.03
CA THR A 42 -9.47 -6.23 -17.91
C THR A 42 -8.92 -5.62 -19.19
N ASP A 43 -9.18 -4.34 -19.44
CA ASP A 43 -8.60 -3.68 -20.62
C ASP A 43 -7.08 -3.53 -20.42
N TYR A 44 -6.63 -3.66 -19.17
CA TYR A 44 -5.23 -3.45 -18.79
C TYR A 44 -4.50 -4.76 -18.49
N ARG A 45 -5.09 -5.89 -18.83
CA ARG A 45 -4.42 -7.13 -18.59
C ARG A 45 -3.15 -7.19 -19.43
N GLY A 46 -2.09 -7.68 -18.83
CA GLY A 46 -0.79 -7.74 -19.50
C GLY A 46 0.05 -6.47 -19.32
N LYS A 47 -0.50 -5.44 -18.68
CA LYS A 47 0.25 -4.20 -18.37
C LYS A 47 0.13 -3.96 -16.87
N TYR A 48 1.10 -3.28 -16.27
CA TYR A 48 0.88 -2.75 -14.90
C TYR A 48 -0.10 -1.61 -15.00
N LEU A 49 -0.91 -1.47 -13.95
CA LEU A 49 -1.86 -0.37 -13.90
C LEU A 49 -1.68 0.36 -12.58
N VAL A 50 -1.43 1.66 -12.69
CA VAL A 50 -1.50 2.54 -11.53
C VAL A 50 -2.93 3.10 -11.48
N PHE A 51 -3.66 2.78 -10.41
CA PHE A 51 -5.08 3.14 -10.30
C PHE A 51 -5.19 4.10 -9.11
N PHE A 52 -5.48 5.38 -9.38
CA PHE A 52 -5.31 6.44 -8.36
C PHE A 52 -6.71 6.98 -8.03
N PHE A 53 -7.15 6.80 -6.79
CA PHE A 53 -8.42 7.37 -6.36
C PHE A 53 -8.09 8.71 -5.72
N TYR A 54 -8.97 9.70 -5.93
CA TYR A 54 -8.80 11.00 -5.27
C TYR A 54 -10.22 11.48 -4.91
N PRO A 55 -10.34 12.36 -3.90
CA PRO A 55 -11.66 12.60 -3.33
C PRO A 55 -12.66 13.18 -4.32
N LEU A 56 -12.35 14.32 -4.93
CA LEU A 56 -13.36 15.01 -5.70
C LEU A 56 -12.69 15.96 -6.69
N ASP A 57 -13.38 16.22 -7.80
CA ASP A 57 -13.02 17.30 -8.76
C ASP A 57 -13.45 18.65 -8.16
N PHE A 58 -12.82 19.72 -8.66
CA PHE A 58 -13.25 21.11 -8.41
C PHE A 58 -13.09 21.55 -6.96
N THR A 59 -12.30 20.83 -6.16
CA THR A 59 -12.02 21.34 -4.80
C THR A 59 -10.90 22.38 -4.83
N PHE A 60 -10.55 22.91 -3.65
CA PHE A 60 -9.47 23.88 -3.55
C PHE A 60 -8.12 23.23 -3.29
N VAL A 61 -8.08 21.90 -3.38
CA VAL A 61 -6.84 21.14 -3.22
C VAL A 61 -6.27 20.76 -4.59
N CYS A 62 -5.03 21.17 -4.85
CA CYS A 62 -4.43 20.96 -6.19
C CYS A 62 -4.36 19.50 -6.60
N PRO A 63 -4.60 19.24 -7.89
CA PRO A 63 -4.54 17.84 -8.32
C PRO A 63 -3.11 17.47 -8.75
N THR A 64 -2.18 17.54 -7.80
CA THR A 64 -0.75 17.45 -8.13
C THR A 64 -0.41 16.12 -8.80
N GLU A 65 -0.92 15.03 -8.24
CA GLU A 65 -0.59 13.70 -8.76
C GLU A 65 -1.09 13.48 -10.14
N ILE A 66 -2.34 13.85 -10.42
CA ILE A 66 -2.88 13.65 -11.76
C ILE A 66 -2.10 14.45 -12.79
N ILE A 67 -1.79 15.71 -12.46
CA ILE A 67 -1.05 16.55 -13.38
C ILE A 67 0.30 15.91 -13.67
N ALA A 68 0.96 15.41 -12.62
CA ALA A 68 2.32 14.85 -12.82
C ALA A 68 2.26 13.52 -13.60
N PHE A 69 1.28 12.67 -13.28
CA PHE A 69 1.10 11.44 -14.06
C PHE A 69 0.86 11.80 -15.53
N GLY A 70 0.01 12.79 -15.75
CA GLY A 70 -0.24 13.21 -17.11
C GLY A 70 1.03 13.68 -17.83
N ASP A 71 1.80 14.53 -17.15
CA ASP A 71 3.05 15.07 -17.71
C ASP A 71 4.01 13.96 -18.08
N ARG A 72 4.04 12.92 -17.23
CA ARG A 72 5.02 11.87 -17.37
C ARG A 72 4.48 10.56 -17.94
N ILE A 73 3.31 10.60 -18.57
CA ILE A 73 2.62 9.35 -18.90
C ILE A 73 3.45 8.50 -19.88
N GLU A 74 4.19 9.16 -20.76
CA GLU A 74 5.04 8.42 -21.70
C GLU A 74 6.13 7.61 -21.01
N GLU A 75 6.58 8.08 -19.85
CA GLU A 75 7.56 7.29 -19.09
C GLU A 75 6.94 6.00 -18.58
N PHE A 76 5.70 6.07 -18.12
CA PHE A 76 5.02 4.88 -17.63
C PHE A 76 4.72 3.94 -18.80
N LYS A 77 4.26 4.49 -19.91
CA LYS A 77 3.96 3.65 -21.04
C LYS A 77 5.22 2.93 -21.52
N SER A 78 6.37 3.57 -21.34
CA SER A 78 7.64 3.00 -21.78
CA SER A 78 7.62 2.98 -21.80
C SER A 78 8.01 1.77 -20.95
N ILE A 79 7.41 1.64 -19.77
CA ILE A 79 7.68 0.46 -18.95
C ILE A 79 6.38 -0.33 -18.76
N ASN A 80 5.61 -0.42 -19.84
CA ASN A 80 4.44 -1.29 -19.88
C ASN A 80 3.44 -1.00 -18.77
N THR A 81 3.28 0.28 -18.47
CA THR A 81 2.39 0.68 -17.39
C THR A 81 1.40 1.76 -17.85
N GLU A 82 0.14 1.62 -17.46
CA GLU A 82 -0.86 2.65 -17.68
C GLU A 82 -1.29 3.29 -16.37
N VAL A 83 -1.98 4.43 -16.46
CA VAL A 83 -2.43 5.13 -15.26
C VAL A 83 -3.87 5.54 -15.49
N VAL A 84 -4.72 5.30 -14.47
CA VAL A 84 -6.13 5.68 -14.50
C VAL A 84 -6.43 6.33 -13.18
N ALA A 85 -7.07 7.51 -13.19
CA ALA A 85 -7.45 8.16 -11.95
C ALA A 85 -8.95 8.04 -11.81
N CYS A 86 -9.44 8.02 -10.57
CA CYS A 86 -10.89 7.77 -10.38
C CYS A 86 -11.41 8.58 -9.19
N SER A 87 -12.59 9.17 -9.34
CA SER A 87 -13.26 9.72 -8.17
C SER A 87 -14.75 9.40 -8.32
N VAL A 88 -15.53 9.68 -7.29
CA VAL A 88 -16.97 9.43 -7.35
C VAL A 88 -17.75 10.45 -8.23
N ASP A 89 -17.06 11.45 -8.78
CA ASP A 89 -17.75 12.40 -9.63
C ASP A 89 -18.27 11.73 -10.90
N SER A 90 -19.29 12.33 -11.52
CA SER A 90 -19.79 11.82 -12.78
C SER A 90 -18.83 12.07 -13.93
N GLN A 91 -19.06 11.38 -15.05
CA GLN A 91 -18.18 11.65 -16.17
C GLN A 91 -18.39 13.06 -16.72
N PHE A 92 -19.58 13.64 -16.53
CA PHE A 92 -19.80 15.02 -17.01
C PHE A 92 -19.02 16.02 -16.18
N THR A 93 -18.92 15.79 -14.88
CA THR A 93 -18.08 16.66 -14.05
C THR A 93 -16.59 16.48 -14.42
N HIS A 94 -16.16 15.24 -14.62
CA HIS A 94 -14.77 15.04 -15.06
C HIS A 94 -14.47 15.87 -16.35
N LEU A 95 -15.39 15.82 -17.31
CA LEU A 95 -15.16 16.53 -18.59
C LEU A 95 -15.09 18.04 -18.35
N ALA A 96 -16.04 18.55 -17.56
CA ALA A 96 -16.08 19.97 -17.23
C ALA A 96 -14.80 20.40 -16.49
N TRP A 97 -14.30 19.54 -15.62
CA TRP A 97 -13.05 19.83 -14.87
C TRP A 97 -11.82 19.93 -15.79
N ILE A 98 -11.74 18.99 -16.71
CA ILE A 98 -10.72 19.01 -17.77
C ILE A 98 -10.88 20.26 -18.64
N ASN A 99 -12.13 20.64 -18.87
CA ASN A 99 -12.39 21.80 -19.72
C ASN A 99 -12.26 23.15 -18.98
N THR A 100 -11.93 23.11 -17.71
CA THR A 100 -11.68 24.33 -16.92
C THR A 100 -10.16 24.52 -16.78
N PRO A 101 -9.65 25.73 -17.10
CA PRO A 101 -8.21 26.03 -16.98
C PRO A 101 -7.69 25.86 -15.57
N ARG A 102 -6.43 25.48 -15.47
CA ARG A 102 -5.83 25.24 -14.18
C ARG A 102 -5.75 26.53 -13.37
N ARG A 103 -5.60 27.65 -14.06
CA ARG A 103 -5.56 28.91 -13.33
C ARG A 103 -6.90 29.24 -12.68
N GLN A 104 -7.95 28.48 -13.01
CA GLN A 104 -9.28 28.68 -12.42
C GLN A 104 -9.69 27.49 -11.56
N GLY A 105 -8.73 26.66 -11.18
CA GLY A 105 -9.03 25.53 -10.32
C GLY A 105 -9.32 24.27 -11.10
N GLY A 106 -9.26 24.35 -12.43
CA GLY A 106 -9.59 23.20 -13.24
C GLY A 106 -8.40 22.24 -13.35
N LEU A 107 -8.64 21.08 -13.98
CA LEU A 107 -7.54 20.19 -14.35
C LEU A 107 -6.85 20.56 -15.66
N GLY A 108 -7.57 21.21 -16.58
CA GLY A 108 -7.04 21.43 -17.91
C GLY A 108 -6.93 20.12 -18.69
N PRO A 109 -6.45 20.21 -19.94
CA PRO A 109 -6.27 19.00 -20.76
C PRO A 109 -5.37 18.02 -20.04
N ILE A 110 -5.69 16.72 -20.13
CA ILE A 110 -4.95 15.75 -19.37
C ILE A 110 -4.83 14.49 -20.22
N ARG A 111 -3.72 13.76 -20.09
CA ARG A 111 -3.51 12.57 -20.91
C ARG A 111 -3.72 11.26 -20.17
N ILE A 112 -4.35 11.28 -19.01
CA ILE A 112 -4.74 10.02 -18.45
C ILE A 112 -6.27 10.01 -18.25
N PRO A 113 -6.84 8.80 -18.29
CA PRO A 113 -8.30 8.70 -18.18
C PRO A 113 -8.77 9.12 -16.81
N LEU A 114 -9.92 9.79 -16.73
CA LEU A 114 -10.58 10.00 -15.44
C LEU A 114 -11.82 9.12 -15.42
N LEU A 115 -11.84 8.15 -14.51
CA LEU A 115 -12.91 7.17 -14.42
C LEU A 115 -13.95 7.68 -13.43
N SER A 116 -15.25 7.52 -13.77
CA SER A 116 -16.32 7.93 -12.86
C SER A 116 -16.78 6.76 -11.97
N ASP A 117 -16.83 6.95 -10.65
CA ASP A 117 -17.42 5.96 -9.78
C ASP A 117 -18.71 6.49 -9.13
N LEU A 118 -19.60 7.01 -9.96
CA LEU A 118 -20.82 7.67 -9.50
C LEU A 118 -21.67 6.83 -8.54
N ASN A 119 -21.84 5.54 -8.83
CA ASN A 119 -22.64 4.71 -7.97
C ASN A 119 -21.88 4.04 -6.81
N HIS A 120 -20.59 4.36 -6.72
CA HIS A 120 -19.71 4.05 -5.56
C HIS A 120 -19.31 2.58 -5.49
N GLN A 121 -19.72 1.80 -6.48
CA GLN A 121 -19.39 0.38 -6.43
C GLN A 121 -17.88 0.11 -6.49
N ILE A 122 -17.17 0.87 -7.31
CA ILE A 122 -15.73 0.62 -7.47
C ILE A 122 -14.97 0.95 -6.20
N SER A 123 -15.21 2.12 -5.64
N SER A 123 -15.25 2.13 -5.67
CA SER A 123 -14.49 2.48 -4.42
CA SER A 123 -14.65 2.58 -4.41
C SER A 123 -14.89 1.62 -3.24
C SER A 123 -14.89 1.60 -3.29
N LYS A 124 -16.13 1.13 -3.21
CA LYS A 124 -16.48 0.19 -2.14
C LYS A 124 -15.71 -1.12 -2.33
N ASP A 125 -15.63 -1.60 -3.57
CA ASP A 125 -14.85 -2.81 -3.85
C ASP A 125 -13.36 -2.67 -3.50
N TYR A 126 -12.82 -1.47 -3.70
CA TYR A 126 -11.41 -1.17 -3.42
C TYR A 126 -11.20 -0.75 -1.97
N GLY A 127 -12.27 -0.71 -1.19
CA GLY A 127 -12.20 -0.40 0.24
C GLY A 127 -11.72 1.01 0.59
N VAL A 128 -12.00 1.95 -0.31
CA VAL A 128 -11.57 3.34 -0.09
C VAL A 128 -12.73 4.34 -0.02
N TYR A 129 -13.96 3.82 0.02
CA TYR A 129 -15.13 4.70 0.10
C TYR A 129 -15.42 5.14 1.54
N LEU A 130 -15.73 6.42 1.70
CA LEU A 130 -16.09 6.96 3.01
C LEU A 130 -17.61 7.15 3.10
N GLU A 131 -18.29 6.35 3.92
CA GLU A 131 -19.76 6.34 3.90
C GLU A 131 -20.42 7.65 4.29
N ASP A 132 -19.82 8.32 5.27
CA ASP A 132 -20.39 9.56 5.75
C ASP A 132 -20.22 10.75 4.79
N SER A 133 -19.07 10.82 4.13
N SER A 133 -19.05 10.84 4.16
CA SER A 133 -18.76 11.99 3.31
CA SER A 133 -18.74 11.96 3.29
C SER A 133 -19.05 11.74 1.83
C SER A 133 -19.36 11.74 1.91
N GLY A 134 -19.33 10.50 1.46
CA GLY A 134 -19.77 10.18 0.10
C GLY A 134 -18.65 10.24 -0.96
N HIS A 135 -17.39 10.20 -0.56
CA HIS A 135 -16.32 10.14 -1.55
C HIS A 135 -15.20 9.20 -1.07
N THR A 136 -14.13 9.09 -1.83
CA THR A 136 -13.04 8.21 -1.45
C THR A 136 -11.92 8.93 -0.73
N LEU A 137 -11.11 8.11 -0.06
CA LEU A 137 -9.77 8.53 0.28
C LEU A 137 -8.92 8.84 -0.96
N ARG A 138 -7.76 9.44 -0.70
CA ARG A 138 -6.73 9.58 -1.73
CA ARG A 138 -6.75 9.58 -1.73
C ARG A 138 -5.87 8.33 -1.63
N GLY A 139 -5.89 7.49 -2.66
CA GLY A 139 -5.25 6.18 -2.57
C GLY A 139 -4.68 5.74 -3.90
N LEU A 140 -3.40 5.34 -3.90
CA LEU A 140 -2.73 4.95 -5.11
CA LEU A 140 -2.72 4.95 -5.13
C LEU A 140 -2.50 3.44 -5.06
N PHE A 141 -3.09 2.71 -6.03
CA PHE A 141 -2.96 1.26 -6.09
C PHE A 141 -2.04 0.90 -7.25
N ILE A 142 -1.10 -0.02 -7.03
CA ILE A 142 -0.29 -0.54 -8.15
C ILE A 142 -0.72 -1.95 -8.37
N ILE A 143 -1.14 -2.25 -9.60
CA ILE A 143 -1.67 -3.54 -9.99
C ILE A 143 -0.78 -4.09 -11.06
N ASP A 144 -0.37 -5.35 -10.92
CA ASP A 144 0.60 -5.86 -11.87
C ASP A 144 -0.05 -6.37 -13.15
N ASP A 145 0.79 -6.90 -14.02
N ASP A 145 0.76 -6.89 -14.03
CA ASP A 145 0.36 -7.35 -15.34
CA ASP A 145 0.25 -7.28 -15.34
C ASP A 145 -0.39 -8.69 -15.32
C ASP A 145 -0.62 -8.54 -15.26
N LYS A 146 -0.58 -9.23 -14.13
CA LYS A 146 -1.41 -10.41 -13.94
C LYS A 146 -2.70 -10.06 -13.20
N GLY A 147 -2.89 -8.77 -12.95
CA GLY A 147 -4.07 -8.24 -12.27
C GLY A 147 -4.03 -8.45 -10.76
N VAL A 148 -2.83 -8.62 -10.21
CA VAL A 148 -2.68 -8.80 -8.78
C VAL A 148 -2.29 -7.47 -8.14
N LEU A 149 -2.91 -7.13 -7.01
CA LEU A 149 -2.52 -5.94 -6.26
C LEU A 149 -1.13 -6.08 -5.61
N ARG A 150 -0.25 -5.10 -5.85
CA ARG A 150 1.11 -5.13 -5.30
CA ARG A 150 1.12 -5.11 -5.32
C ARG A 150 1.34 -4.04 -4.24
N GLN A 151 0.63 -2.91 -4.34
CA GLN A 151 0.88 -1.86 -3.35
C GLN A 151 -0.29 -0.91 -3.27
N ILE A 152 -0.51 -0.33 -2.07
CA ILE A 152 -1.53 0.71 -1.92
C ILE A 152 -0.85 1.76 -1.08
N THR A 153 -0.91 3.01 -1.51
CA THR A 153 -0.34 4.11 -0.74
C THR A 153 -1.47 5.11 -0.45
N LEU A 154 -1.59 5.53 0.80
CA LEU A 154 -2.69 6.42 1.22
C LEU A 154 -2.08 7.73 1.68
N ASN A 155 -2.35 8.84 0.99
CA ASN A 155 -1.79 10.13 1.41
C ASN A 155 -2.90 11.10 1.74
N ASP A 156 -2.76 11.94 2.76
CA ASP A 156 -3.85 12.86 2.96
C ASP A 156 -3.59 14.19 2.27
N LEU A 157 -2.40 14.32 1.67
CA LEU A 157 -2.07 15.56 0.94
C LEU A 157 -1.74 15.18 -0.49
N PRO A 158 -1.85 16.14 -1.42
CA PRO A 158 -1.36 15.80 -2.74
C PRO A 158 0.16 15.76 -2.72
N VAL A 159 0.73 14.62 -3.04
CA VAL A 159 2.20 14.47 -2.97
C VAL A 159 2.75 14.18 -4.36
N GLY A 160 3.39 15.17 -4.93
CA GLY A 160 4.02 15.04 -6.24
C GLY A 160 5.07 13.93 -6.31
N ARG A 161 5.91 13.83 -5.28
CA ARG A 161 6.91 12.75 -5.26
C ARG A 161 6.28 11.35 -5.38
N SER A 162 4.99 11.20 -5.07
CA SER A 162 4.46 9.83 -5.14
C SER A 162 4.43 9.35 -6.60
N VAL A 163 4.45 10.29 -7.53
CA VAL A 163 4.56 9.90 -8.95
C VAL A 163 5.96 9.30 -9.23
N ASP A 164 7.01 9.97 -8.78
CA ASP A 164 8.36 9.42 -8.90
C ASP A 164 8.48 8.06 -8.24
N GLU A 165 7.93 7.93 -7.04
CA GLU A 165 8.07 6.70 -6.28
C GLU A 165 7.34 5.60 -7.04
N THR A 166 6.23 5.96 -7.69
CA THR A 166 5.47 4.97 -8.43
C THR A 166 6.25 4.45 -9.61
N LEU A 167 6.89 5.36 -10.34
CA LEU A 167 7.74 4.94 -11.44
C LEU A 167 8.85 4.02 -10.94
N ARG A 168 9.47 4.37 -9.83
CA ARG A 168 10.57 3.55 -9.29
C ARG A 168 10.08 2.14 -8.86
N LEU A 169 8.95 2.11 -8.16
CA LEU A 169 8.44 0.86 -7.57
C LEU A 169 7.92 -0.08 -8.66
N VAL A 170 7.23 0.47 -9.64
CA VAL A 170 6.79 -0.40 -10.75
C VAL A 170 8.02 -1.10 -11.36
N GLN A 171 9.04 -0.31 -11.65
CA GLN A 171 10.28 -0.89 -12.23
C GLN A 171 10.91 -1.93 -11.30
N ALA A 172 10.82 -1.68 -9.99
CA ALA A 172 11.39 -2.61 -9.03
C ALA A 172 10.57 -3.93 -9.01
N PHE A 173 9.23 -3.83 -9.03
CA PHE A 173 8.36 -5.02 -9.04
C PHE A 173 8.61 -5.85 -10.29
N GLN A 174 8.76 -5.14 -11.41
CA GLN A 174 9.00 -5.80 -12.68
C GLN A 174 10.35 -6.51 -12.68
N TYR A 175 11.35 -5.90 -12.03
CA TYR A 175 12.68 -6.49 -11.98
C TYR A 175 12.57 -7.77 -11.18
N THR A 176 11.87 -7.68 -10.05
CA THR A 176 11.64 -8.83 -9.20
C THR A 176 10.85 -9.94 -9.91
N ASP A 177 9.81 -9.56 -10.65
CA ASP A 177 9.02 -10.50 -11.47
C ASP A 177 9.96 -11.35 -12.35
N LYS A 178 10.99 -10.72 -12.90
CA LYS A 178 11.79 -11.37 -13.94
C LYS A 178 12.99 -12.11 -13.35
N HIS A 179 13.49 -11.65 -12.22
CA HIS A 179 14.78 -12.15 -11.77
C HIS A 179 14.68 -13.05 -10.56
N GLY A 180 13.49 -13.09 -9.98
CA GLY A 180 13.25 -13.91 -8.81
C GLY A 180 13.96 -13.25 -7.64
N GLU A 181 14.36 -14.05 -6.66
N GLU A 181 14.36 -14.06 -6.67
CA GLU A 181 15.07 -13.50 -5.52
CA GLU A 181 15.04 -13.53 -5.50
C GLU A 181 16.15 -14.45 -5.01
C GLU A 181 16.13 -14.46 -4.99
N VAL A 182 17.09 -13.89 -4.25
CA VAL A 182 18.18 -14.68 -3.67
C VAL A 182 18.19 -14.57 -2.15
N CYS A 183 18.55 -15.67 -1.48
CA CYS A 183 18.51 -15.71 -0.03
C CYS A 183 19.82 -15.22 0.57
N PRO A 184 19.76 -14.64 1.78
CA PRO A 184 20.98 -14.21 2.47
C PRO A 184 21.94 -15.38 2.70
N ALA A 185 23.22 -15.10 2.59
CA ALA A 185 24.24 -16.11 2.87
C ALA A 185 24.13 -16.51 4.34
N GLY A 186 24.47 -17.75 4.65
CA GLY A 186 24.33 -18.18 6.03
C GLY A 186 22.97 -18.75 6.40
N TRP A 187 21.95 -18.58 5.55
CA TRP A 187 20.67 -19.24 5.79
C TRP A 187 20.47 -20.41 4.82
N LYS A 188 20.03 -21.56 5.33
CA LYS A 188 19.78 -22.74 4.50
C LYS A 188 18.48 -23.35 4.93
N PRO A 189 17.67 -23.84 3.99
CA PRO A 189 16.35 -24.36 4.41
C PRO A 189 16.56 -25.63 5.24
N GLY A 190 15.62 -25.99 6.12
CA GLY A 190 15.71 -27.23 6.88
C GLY A 190 15.41 -28.47 6.04
N HIS B 10 -15.31 -9.67 1.17
CA HIS B 10 -15.04 -10.16 2.52
C HIS B 10 -15.03 -9.03 3.56
N SER B 11 -14.87 -9.41 4.83
CA SER B 11 -14.85 -8.45 5.92
C SER B 11 -13.42 -8.14 6.39
N SER B 12 -13.15 -6.87 6.71
CA SER B 12 -11.88 -6.55 7.37
C SER B 12 -11.95 -5.30 8.25
N GLY B 13 -10.85 -5.06 8.95
CA GLY B 13 -10.76 -3.98 9.89
C GLY B 13 -10.36 -2.69 9.20
N LEU B 14 -9.99 -2.76 7.92
CA LEU B 14 -9.44 -1.59 7.23
C LEU B 14 -10.56 -0.65 6.79
N VAL B 15 -11.04 0.17 7.71
CA VAL B 15 -12.22 1.00 7.43
C VAL B 15 -11.83 2.48 7.25
N PRO B 16 -12.15 3.06 6.10
CA PRO B 16 -11.81 4.48 5.94
C PRO B 16 -12.63 5.30 6.93
N ARG B 17 -12.02 6.28 7.57
CA ARG B 17 -12.74 7.09 8.56
C ARG B 17 -12.21 8.51 8.55
N GLY B 18 -13.11 9.48 8.48
CA GLY B 18 -12.65 10.85 8.38
C GLY B 18 -12.08 11.10 7.01
N SER B 19 -10.77 11.28 6.97
CA SER B 19 -10.09 11.47 5.70
C SER B 19 -8.90 10.54 5.64
N HIS B 20 -8.95 9.45 6.38
N HIS B 20 -8.91 9.51 6.49
CA HIS B 20 -7.88 8.49 6.27
CA HIS B 20 -7.76 8.63 6.66
C HIS B 20 -8.25 7.13 6.81
C HIS B 20 -8.21 7.19 6.79
N MET B 21 -7.24 6.29 6.91
CA MET B 21 -7.48 4.90 7.25
CA MET B 21 -7.53 4.93 7.30
C MET B 21 -6.70 4.59 8.53
N PRO B 22 -7.35 4.66 9.70
CA PRO B 22 -6.66 4.24 10.94
C PRO B 22 -6.24 2.79 10.88
N ALA B 23 -5.03 2.49 11.34
CA ALA B 23 -4.60 1.10 11.43
C ALA B 23 -5.43 0.40 12.51
N PRO B 24 -6.00 -0.78 12.19
CA PRO B 24 -6.81 -1.50 13.20
C PRO B 24 -6.01 -1.80 14.48
N TYR B 25 -6.62 -1.58 15.64
CA TYR B 25 -5.99 -1.96 16.90
C TYR B 25 -5.60 -3.44 16.88
N TRP B 26 -4.42 -3.76 17.44
CA TRP B 26 -4.09 -5.16 17.67
C TRP B 26 -3.38 -5.30 19.01
N GLU B 27 -3.44 -6.49 19.60
CA GLU B 27 -2.67 -6.82 20.77
C GLU B 27 -2.41 -8.32 20.73
N GLY B 28 -1.25 -8.77 21.23
CA GLY B 28 -1.04 -10.21 21.34
C GLY B 28 0.30 -10.42 21.99
N THR B 29 0.74 -11.67 22.04
CA THR B 29 1.98 -12.00 22.72
C THR B 29 3.09 -12.06 21.67
N ALA B 30 4.21 -11.43 21.97
CA ALA B 30 5.36 -11.49 21.06
C ALA B 30 6.56 -12.11 21.76
N VAL B 31 7.54 -12.54 20.95
CA VAL B 31 8.86 -12.94 21.49
C VAL B 31 9.78 -11.76 21.25
N ILE B 32 10.34 -11.25 22.33
CA ILE B 32 11.27 -10.13 22.28
C ILE B 32 12.52 -10.49 23.07
N ASN B 33 13.68 -10.49 22.38
CA ASN B 33 14.96 -10.95 22.94
C ASN B 33 14.76 -12.24 23.71
N GLY B 34 14.07 -13.19 23.07
CA GLY B 34 13.90 -14.51 23.65
C GLY B 34 12.91 -14.65 24.80
N GLU B 35 12.13 -13.61 25.05
CA GLU B 35 11.15 -13.62 26.15
C GLU B 35 9.75 -13.32 25.65
N PHE B 36 8.74 -13.89 26.31
CA PHE B 36 7.36 -13.58 25.90
C PHE B 36 6.94 -12.22 26.48
N LYS B 37 6.40 -11.33 25.65
CA LYS B 37 5.97 -10.03 26.15
C LYS B 37 4.64 -9.71 25.50
N GLU B 38 3.73 -9.08 26.24
CA GLU B 38 2.49 -8.59 25.62
C GLU B 38 2.79 -7.30 24.84
N LEU B 39 2.21 -7.16 23.66
CA LEU B 39 2.50 -6.04 22.78
C LEU B 39 1.17 -5.58 22.20
N LYS B 40 1.02 -4.27 21.98
CA LYS B 40 -0.15 -3.78 21.28
C LYS B 40 0.18 -2.59 20.41
N LEU B 41 -0.70 -2.32 19.44
CA LEU B 41 -0.46 -1.26 18.48
C LEU B 41 -0.23 0.06 19.21
N THR B 42 -0.98 0.31 20.25
CA THR B 42 -0.91 1.62 20.90
C THR B 42 0.44 1.84 21.63
N ASP B 43 1.18 0.77 21.88
CA ASP B 43 2.53 0.87 22.46
C ASP B 43 3.44 1.71 21.55
N TYR B 44 3.09 1.75 20.26
CA TYR B 44 3.89 2.42 19.24
C TYR B 44 3.42 3.84 18.92
N ARG B 45 2.47 4.39 19.68
CA ARG B 45 2.04 5.76 19.43
C ARG B 45 3.24 6.68 19.54
N GLY B 46 3.33 7.67 18.65
CA GLY B 46 4.49 8.55 18.62
C GLY B 46 5.64 8.03 17.75
N LYS B 47 5.56 6.78 17.29
CA LYS B 47 6.61 6.21 16.39
C LYS B 47 5.95 5.69 15.12
N TYR B 48 6.66 5.71 13.99
CA TYR B 48 6.18 4.96 12.83
C TYR B 48 6.34 3.49 13.17
N LEU B 49 5.45 2.66 12.64
CA LEU B 49 5.57 1.21 12.84
C LEU B 49 5.57 0.53 11.49
N VAL B 50 6.58 -0.26 11.23
CA VAL B 50 6.60 -1.15 10.07
C VAL B 50 6.09 -2.49 10.57
N PHE B 51 4.93 -2.92 10.06
CA PHE B 51 4.29 -4.13 10.61
C PHE B 51 4.30 -5.14 9.45
N PHE B 52 5.09 -6.21 9.58
CA PHE B 52 5.37 -7.10 8.44
C PHE B 52 4.70 -8.47 8.74
N PHE B 53 3.74 -8.86 7.91
CA PHE B 53 3.13 -10.18 8.06
C PHE B 53 3.85 -11.13 7.10
N TYR B 54 4.06 -12.37 7.55
CA TYR B 54 4.68 -13.35 6.66
C TYR B 54 3.97 -14.67 6.96
N PRO B 55 4.03 -15.61 6.01
CA PRO B 55 3.09 -16.72 6.15
C PRO B 55 3.36 -17.60 7.37
N LEU B 56 4.58 -18.10 7.52
CA LEU B 56 4.82 -19.16 8.52
C LEU B 56 6.30 -19.24 8.91
N ASP B 57 6.55 -19.57 10.16
CA ASP B 57 7.88 -19.99 10.58
C ASP B 57 8.27 -21.36 10.03
N PHE B 58 9.59 -21.63 9.96
CA PHE B 58 10.14 -22.98 9.67
C PHE B 58 9.85 -23.47 8.26
N THR B 59 9.52 -22.55 7.34
CA THR B 59 9.35 -22.99 5.97
C THR B 59 10.68 -23.05 5.26
N PHE B 60 10.63 -23.41 3.98
CA PHE B 60 11.86 -23.47 3.18
C PHE B 60 12.07 -22.18 2.41
N VAL B 61 11.30 -21.15 2.77
CA VAL B 61 11.45 -19.83 2.15
C VAL B 61 12.27 -18.95 3.11
N CYS B 62 13.40 -18.42 2.66
CA CYS B 62 14.28 -17.68 3.56
C CYS B 62 13.57 -16.46 4.13
N PRO B 63 13.83 -16.16 5.40
CA PRO B 63 13.22 -14.97 6.03
C PRO B 63 14.09 -13.74 5.81
N THR B 64 14.24 -13.38 4.54
CA THR B 64 15.19 -12.31 4.16
C THR B 64 14.84 -10.97 4.79
N GLU B 65 13.55 -10.59 4.76
CA GLU B 65 13.15 -9.29 5.31
C GLU B 65 13.42 -9.21 6.79
N ILE B 66 13.03 -10.24 7.53
CA ILE B 66 13.15 -10.16 8.98
C ILE B 66 14.62 -10.05 9.33
N ILE B 67 15.44 -10.86 8.69
CA ILE B 67 16.88 -10.83 8.96
C ILE B 67 17.45 -9.44 8.70
N ALA B 68 17.07 -8.86 7.57
CA ALA B 68 17.59 -7.54 7.19
C ALA B 68 17.07 -6.41 8.12
N PHE B 69 15.80 -6.48 8.52
CA PHE B 69 15.25 -5.47 9.42
C PHE B 69 16.01 -5.56 10.75
N GLY B 70 16.26 -6.77 11.22
CA GLY B 70 16.92 -6.93 12.48
C GLY B 70 18.35 -6.38 12.46
N ASP B 71 19.08 -6.63 11.37
CA ASP B 71 20.47 -6.18 11.26
C ASP B 71 20.54 -4.65 11.20
N ARG B 72 19.49 -4.06 10.61
CA ARG B 72 19.47 -2.62 10.34
C ARG B 72 18.57 -1.84 11.28
N ILE B 73 18.16 -2.49 12.36
CA ILE B 73 17.05 -1.94 13.16
C ILE B 73 17.44 -0.55 13.71
N GLU B 74 18.71 -0.33 14.01
CA GLU B 74 19.12 1.00 14.53
C GLU B 74 18.83 2.11 13.52
N GLU B 75 18.89 1.80 12.22
CA GLU B 75 18.55 2.83 11.20
C GLU B 75 17.07 3.25 11.26
N PHE B 76 16.21 2.33 11.68
CA PHE B 76 14.80 2.66 11.80
C PHE B 76 14.59 3.40 13.11
N LYS B 77 15.25 2.93 14.15
CA LYS B 77 15.10 3.56 15.46
C LYS B 77 15.59 5.03 15.40
N SER B 78 16.63 5.30 14.62
CA SER B 78 17.13 6.67 14.49
CA SER B 78 17.15 6.67 14.47
C SER B 78 16.15 7.62 13.80
N ILE B 79 15.16 7.06 13.10
CA ILE B 79 14.13 7.90 12.49
C ILE B 79 12.79 7.60 13.16
N ASN B 80 12.85 7.31 14.45
CA ASN B 80 11.66 7.12 15.27
CA ASN B 80 11.62 7.19 15.22
C ASN B 80 10.70 6.11 14.66
N THR B 81 11.29 5.04 14.18
CA THR B 81 10.51 3.94 13.58
C THR B 81 10.84 2.61 14.24
N GLU B 82 9.81 1.79 14.44
CA GLU B 82 9.98 0.44 15.01
C GLU B 82 9.48 -0.59 14.02
N VAL B 83 9.92 -1.85 14.16
CA VAL B 83 9.53 -2.91 13.21
C VAL B 83 9.00 -4.08 14.05
N VAL B 84 7.86 -4.62 13.64
CA VAL B 84 7.31 -5.84 14.29
C VAL B 84 6.95 -6.82 13.18
N ALA B 85 7.30 -8.09 13.30
CA ALA B 85 6.87 -9.07 12.29
C ALA B 85 5.83 -9.97 12.93
N CYS B 86 4.91 -10.49 12.12
CA CYS B 86 3.81 -11.29 12.66
C CYS B 86 3.44 -12.43 11.72
N SER B 87 3.22 -13.61 12.30
CA SER B 87 2.60 -14.70 11.58
C SER B 87 1.58 -15.36 12.50
N VAL B 88 0.79 -16.27 11.93
CA VAL B 88 -0.21 -16.98 12.73
C VAL B 88 0.41 -18.06 13.66
N ASP B 89 1.72 -18.28 13.60
CA ASP B 89 2.34 -19.27 14.47
C ASP B 89 2.22 -18.87 15.93
N SER B 90 2.29 -19.87 16.81
CA SER B 90 2.29 -19.56 18.24
C SER B 90 3.59 -18.88 18.72
N GLN B 91 3.53 -18.26 19.90
CA GLN B 91 4.76 -17.68 20.42
C GLN B 91 5.80 -18.75 20.74
N PHE B 92 5.34 -19.98 21.01
CA PHE B 92 6.29 -21.06 21.32
C PHE B 92 7.03 -21.45 20.05
N THR B 93 6.29 -21.50 18.95
CA THR B 93 6.92 -21.71 17.66
C THR B 93 7.89 -20.55 17.32
N HIS B 94 7.48 -19.31 17.56
CA HIS B 94 8.41 -18.19 17.25
C HIS B 94 9.74 -18.36 18.04
N LEU B 95 9.61 -18.71 19.32
CA LEU B 95 10.80 -18.78 20.17
C LEU B 95 11.69 -19.94 19.67
N ALA B 96 11.06 -21.05 19.30
CA ALA B 96 11.83 -22.20 18.82
C ALA B 96 12.54 -21.85 17.51
N TRP B 97 11.85 -21.08 16.68
CA TRP B 97 12.41 -20.66 15.38
C TRP B 97 13.63 -19.78 15.59
N ILE B 98 13.53 -18.83 16.52
CA ILE B 98 14.67 -17.99 16.90
C ILE B 98 15.81 -18.80 17.49
N ASN B 99 15.44 -19.84 18.22
CA ASN B 99 16.44 -20.67 18.85
C ASN B 99 17.05 -21.74 17.91
N THR B 100 16.58 -21.82 16.68
CA THR B 100 17.13 -22.75 15.69
C THR B 100 18.14 -21.99 14.80
N PRO B 101 19.34 -22.56 14.60
CA PRO B 101 20.30 -21.83 13.78
C PRO B 101 19.85 -21.60 12.34
N ARG B 102 20.26 -20.47 11.76
CA ARG B 102 19.94 -20.16 10.38
C ARG B 102 20.41 -21.23 9.41
N ARG B 103 21.53 -21.87 9.70
CA ARG B 103 21.99 -22.86 8.74
C ARG B 103 21.14 -24.12 8.77
N GLN B 104 20.20 -24.21 9.73
CA GLN B 104 19.27 -25.33 9.82
C GLN B 104 17.84 -24.84 9.55
N GLY B 105 17.72 -23.66 8.93
CA GLY B 105 16.40 -23.16 8.56
C GLY B 105 15.75 -22.29 9.61
N GLY B 106 16.45 -22.09 10.72
CA GLY B 106 15.93 -21.21 11.75
C GLY B 106 16.09 -19.73 11.47
N LEU B 107 15.52 -18.90 12.36
CA LEU B 107 15.74 -17.46 12.22
C LEU B 107 17.01 -17.02 12.96
N GLY B 108 17.38 -17.76 13.98
CA GLY B 108 18.53 -17.40 14.81
C GLY B 108 18.15 -16.18 15.65
N PRO B 109 19.08 -15.68 16.45
CA PRO B 109 18.85 -14.49 17.30
C PRO B 109 18.40 -13.33 16.42
N ILE B 110 17.44 -12.56 16.90
CA ILE B 110 16.83 -11.55 16.07
C ILE B 110 16.48 -10.34 16.95
N ARG B 111 16.61 -9.14 16.39
CA ARG B 111 16.38 -7.94 17.19
C ARG B 111 15.01 -7.32 16.92
N ILE B 112 14.14 -8.05 16.25
CA ILE B 112 12.81 -7.48 16.10
C ILE B 112 11.76 -8.43 16.69
N PRO B 113 10.74 -7.85 17.31
CA PRO B 113 9.69 -8.68 17.92
C PRO B 113 9.02 -9.59 16.90
N LEU B 114 8.71 -10.83 17.31
CA LEU B 114 7.84 -11.68 16.48
C LEU B 114 6.51 -11.84 17.22
N LEU B 115 5.45 -11.33 16.61
CA LEU B 115 4.10 -11.28 17.20
C LEU B 115 3.38 -12.54 16.79
N SER B 116 2.71 -13.20 17.73
CA SER B 116 1.93 -14.37 17.37
C SER B 116 0.46 -13.95 17.08
N ASP B 117 -0.09 -14.38 15.93
CA ASP B 117 -1.54 -14.23 15.68
C ASP B 117 -2.24 -15.58 15.63
N LEU B 118 -2.06 -16.35 16.69
CA LEU B 118 -2.54 -17.72 16.74
C LEU B 118 -4.06 -17.82 16.51
N ASN B 119 -4.85 -16.92 17.08
CA ASN B 119 -6.31 -17.06 16.87
C ASN B 119 -6.82 -16.34 15.60
N HIS B 120 -5.90 -15.77 14.83
CA HIS B 120 -6.15 -15.17 13.50
C HIS B 120 -6.89 -13.81 13.54
N GLN B 121 -7.15 -13.29 14.73
CA GLN B 121 -7.89 -12.03 14.80
C GLN B 121 -7.13 -10.86 14.15
N ILE B 122 -5.83 -10.81 14.33
CA ILE B 122 -5.07 -9.68 13.81
C ILE B 122 -5.03 -9.70 12.30
N SER B 123 -4.71 -10.86 11.74
CA SER B 123 -4.63 -10.93 10.28
CA SER B 123 -4.65 -11.06 10.30
C SER B 123 -5.98 -10.75 9.63
N LYS B 124 -7.07 -11.20 10.27
CA LYS B 124 -8.38 -10.88 9.71
C LYS B 124 -8.68 -9.38 9.74
N ASP B 125 -8.33 -8.75 10.84
CA ASP B 125 -8.55 -7.32 10.97
C ASP B 125 -7.74 -6.52 9.92
N TYR B 126 -6.54 -7.01 9.59
CA TYR B 126 -5.62 -6.40 8.62
C TYR B 126 -5.94 -6.89 7.17
N GLY B 127 -6.90 -7.80 7.02
CA GLY B 127 -7.34 -8.17 5.67
C GLY B 127 -6.31 -9.00 4.89
N VAL B 128 -5.45 -9.72 5.61
CA VAL B 128 -4.41 -10.52 4.94
C VAL B 128 -4.48 -12.01 5.27
N TYR B 129 -5.56 -12.42 5.95
CA TYR B 129 -5.70 -13.82 6.33
C TYR B 129 -6.27 -14.63 5.16
N LEU B 130 -5.69 -15.80 4.91
CA LEU B 130 -6.24 -16.68 3.86
C LEU B 130 -7.01 -17.84 4.54
N GLU B 131 -8.33 -17.83 4.38
CA GLU B 131 -9.21 -18.79 5.05
C GLU B 131 -8.88 -20.22 4.69
N ASP B 132 -8.53 -20.45 3.43
CA ASP B 132 -8.38 -21.84 2.98
C ASP B 132 -7.08 -22.46 3.53
N SER B 133 -6.02 -21.67 3.59
CA SER B 133 -4.74 -22.27 3.97
C SER B 133 -4.44 -22.05 5.43
N GLY B 134 -5.12 -21.07 6.04
CA GLY B 134 -4.93 -20.83 7.48
C GLY B 134 -3.70 -19.99 7.88
N HIS B 135 -3.13 -19.22 6.95
CA HIS B 135 -2.05 -18.31 7.30
C HIS B 135 -2.23 -16.99 6.52
N THR B 136 -1.30 -16.04 6.68
CA THR B 136 -1.46 -14.76 5.99
C THR B 136 -0.70 -14.70 4.66
N LEU B 137 -1.01 -13.67 3.89
CA LEU B 137 -0.15 -13.22 2.82
C LEU B 137 1.19 -12.68 3.41
N ARG B 138 2.13 -12.43 2.51
CA ARG B 138 3.36 -11.75 2.89
CA ARG B 138 3.36 -11.74 2.89
C ARG B 138 3.12 -10.27 2.58
N GLY B 139 3.04 -9.44 3.62
CA GLY B 139 2.67 -8.05 3.40
C GLY B 139 3.27 -7.09 4.40
N LEU B 140 3.66 -5.90 3.93
CA LEU B 140 4.33 -4.94 4.78
CA LEU B 140 4.33 -4.93 4.79
C LEU B 140 3.40 -3.73 4.94
N PHE B 141 3.07 -3.38 6.19
CA PHE B 141 2.20 -2.23 6.45
C PHE B 141 3.07 -1.13 7.07
N ILE B 142 2.96 0.12 6.61
CA ILE B 142 3.66 1.23 7.24
C ILE B 142 2.58 2.06 7.89
N ILE B 143 2.73 2.25 9.19
CA ILE B 143 1.79 2.95 10.01
C ILE B 143 2.49 4.15 10.62
N ASP B 144 1.87 5.34 10.57
CA ASP B 144 2.59 6.53 11.02
C ASP B 144 2.44 6.69 12.55
N ASP B 145 3.05 7.75 13.07
CA ASP B 145 3.13 7.99 14.52
C ASP B 145 1.80 8.31 15.13
N LYS B 146 0.80 8.54 14.27
CA LYS B 146 -0.54 8.83 14.76
C LYS B 146 -1.43 7.60 14.63
N GLY B 147 -0.82 6.47 14.27
CA GLY B 147 -1.60 5.24 14.11
C GLY B 147 -2.39 5.12 12.81
N VAL B 148 -2.04 5.94 11.82
CA VAL B 148 -2.75 5.93 10.53
C VAL B 148 -1.99 5.08 9.54
N LEU B 149 -2.71 4.24 8.79
CA LEU B 149 -2.06 3.41 7.79
C LEU B 149 -1.63 4.26 6.58
N ARG B 150 -0.38 4.16 6.18
CA ARG B 150 0.11 4.95 5.05
CA ARG B 150 0.14 4.95 5.06
C ARG B 150 0.43 4.11 3.81
N GLN B 151 0.78 2.84 4.00
CA GLN B 151 1.10 2.07 2.81
C GLN B 151 1.01 0.58 3.12
N ILE B 152 0.65 -0.20 2.08
CA ILE B 152 0.67 -1.65 2.23
C ILE B 152 1.38 -2.16 0.99
N THR B 153 2.34 -3.05 1.18
CA THR B 153 3.04 -3.67 0.05
C THR B 153 2.93 -5.19 0.12
N LEU B 154 2.54 -5.82 -0.98
CA LEU B 154 2.32 -7.27 -0.99
C LEU B 154 3.30 -7.95 -1.96
N ASN B 155 4.23 -8.74 -1.43
CA ASN B 155 5.23 -9.41 -2.25
C ASN B 155 5.05 -10.91 -2.00
N ASP B 156 5.02 -11.74 -3.04
CA ASP B 156 4.91 -13.17 -2.76
C ASP B 156 6.27 -13.82 -2.49
N LEU B 157 7.34 -13.14 -2.86
CA LEU B 157 8.67 -13.71 -2.68
C LEU B 157 9.37 -12.93 -1.61
N PRO B 158 10.36 -13.51 -0.96
CA PRO B 158 11.10 -12.66 -0.03
C PRO B 158 11.91 -11.66 -0.83
N VAL B 159 11.67 -10.38 -0.62
CA VAL B 159 12.37 -9.35 -1.35
C VAL B 159 13.20 -8.55 -0.36
N GLY B 160 14.50 -8.80 -0.35
CA GLY B 160 15.41 -8.06 0.52
C GLY B 160 15.37 -6.55 0.35
N ARG B 161 15.37 -6.09 -0.90
CA ARG B 161 15.30 -4.65 -1.06
C ARG B 161 14.03 -4.05 -0.48
N SER B 162 13.06 -4.87 -0.03
CA SER B 162 11.91 -4.18 0.55
C SER B 162 12.29 -3.49 1.89
N VAL B 163 13.39 -3.94 2.50
CA VAL B 163 13.89 -3.21 3.65
C VAL B 163 14.43 -1.82 3.28
N ASP B 164 15.27 -1.74 2.26
CA ASP B 164 15.78 -0.44 1.81
C ASP B 164 14.65 0.48 1.37
N GLU B 165 13.69 -0.09 0.65
CA GLU B 165 12.54 0.69 0.18
C GLU B 165 11.73 1.21 1.35
N THR B 166 11.55 0.39 2.37
CA THR B 166 10.77 0.76 3.54
C THR B 166 11.43 1.93 4.27
N LEU B 167 12.74 1.85 4.44
CA LEU B 167 13.49 2.97 5.03
C LEU B 167 13.27 4.26 4.25
N ARG B 168 13.38 4.17 2.92
CA ARG B 168 13.25 5.34 2.07
C ARG B 168 11.84 5.91 2.10
N LEU B 169 10.84 5.04 2.16
CA LEU B 169 9.45 5.51 2.19
C LEU B 169 9.09 6.16 3.51
N VAL B 170 9.51 5.55 4.62
CA VAL B 170 9.28 6.20 5.92
C VAL B 170 9.92 7.62 5.95
N GLN B 171 11.16 7.70 5.49
CA GLN B 171 11.83 9.01 5.38
C GLN B 171 11.00 9.99 4.57
N ALA B 172 10.49 9.54 3.41
CA ALA B 172 9.69 10.41 2.58
C ALA B 172 8.37 10.80 3.29
N PHE B 173 7.73 9.84 3.94
CA PHE B 173 6.45 10.14 4.59
C PHE B 173 6.70 11.19 5.69
N GLN B 174 7.81 11.01 6.39
CA GLN B 174 8.21 11.92 7.47
C GLN B 174 8.55 13.33 6.95
N TYR B 175 9.16 13.39 5.78
CA TYR B 175 9.52 14.68 5.20
C TYR B 175 8.25 15.45 4.86
N THR B 176 7.29 14.75 4.28
CA THR B 176 5.98 15.33 3.99
C THR B 176 5.27 15.79 5.28
N ASP B 177 5.35 14.98 6.33
CA ASP B 177 4.68 15.29 7.61
C ASP B 177 5.22 16.64 8.09
N LYS B 178 6.53 16.81 7.93
CA LYS B 178 7.20 17.98 8.46
C LYS B 178 7.05 19.23 7.58
N HIS B 179 7.08 19.06 6.27
CA HIS B 179 7.22 20.21 5.38
C HIS B 179 5.97 20.52 4.58
N GLY B 180 5.06 19.55 4.55
CA GLY B 180 3.85 19.70 3.75
C GLY B 180 4.17 19.65 2.25
N GLU B 181 3.23 20.05 1.41
CA GLU B 181 3.43 19.97 -0.03
C GLU B 181 2.99 21.26 -0.67
N VAL B 182 3.58 21.63 -1.79
CA VAL B 182 3.16 22.81 -2.54
C VAL B 182 2.52 22.44 -3.88
N CYS B 183 1.66 23.32 -4.40
CA CYS B 183 0.97 23.02 -5.65
C CYS B 183 1.86 23.21 -6.88
N PRO B 184 1.48 22.56 -7.99
CA PRO B 184 2.14 22.83 -9.27
C PRO B 184 2.02 24.33 -9.59
N ALA B 185 3.10 24.93 -10.07
N ALA B 185 3.07 24.93 -10.13
CA ALA B 185 2.99 26.30 -10.56
CA ALA B 185 3.08 26.39 -10.36
C ALA B 185 1.97 26.30 -11.69
C ALA B 185 1.91 26.96 -11.19
N GLY B 186 1.20 27.39 -11.79
N GLY B 186 1.43 26.20 -12.18
CA GLY B 186 0.18 27.47 -12.81
CA GLY B 186 0.39 26.70 -13.05
C GLY B 186 -1.17 26.91 -12.38
C GLY B 186 -1.05 26.55 -12.56
N TRP B 187 -1.22 26.14 -11.30
CA TRP B 187 -2.53 25.79 -10.77
C TRP B 187 -2.94 26.72 -9.62
N LYS B 188 -4.17 27.20 -9.65
CA LYS B 188 -4.70 28.08 -8.59
C LYS B 188 -6.11 27.65 -8.27
N PRO B 189 -6.52 27.73 -7.00
CA PRO B 189 -7.87 27.24 -6.68
C PRO B 189 -8.96 28.20 -7.12
N GLY B 190 -10.15 27.68 -7.35
CA GLY B 190 -11.32 28.54 -7.35
C GLY B 190 -11.57 29.00 -5.91
N SER B 191 -12.72 29.58 -5.66
CA SER B 191 -13.07 30.00 -4.31
C SER B 191 -14.56 30.23 -4.22
N GLU B 192 -15.10 30.20 -3.00
CA GLU B 192 -16.44 30.69 -2.74
C GLU B 192 -16.54 32.18 -3.10
OH2 1PE C . -15.33 2.30 -26.68
OH2 1PE C . -8.74 4.84 -25.26
C12 1PE C . -14.61 1.75 -27.71
C12 1PE C . -7.68 4.15 -24.67
C22 1PE C . -14.03 2.75 -28.64
C22 1PE C . -8.01 3.00 -23.76
OH3 1PE C . -12.88 3.39 -28.21
OH3 1PE C . -8.85 2.03 -24.28
C13 1PE C . -11.75 5.54 -28.08
C13 1PE C . -10.18 -0.06 -24.22
C23 1PE C . -12.50 4.56 -28.86
C23 1PE C . -9.08 0.80 -23.67
OH4 1PE C . -10.58 5.14 -27.51
OH4 1PE C . -10.20 -0.27 -25.59
C14 1PE C . -8.66 5.44 -26.09
C14 1PE C . -11.61 0.03 -27.60
C24 1PE C . -9.85 6.04 -26.75
C24 1PE C . -11.33 -0.65 -26.27
OH5 1PE C . -8.98 4.46 -25.16
OH5 1PE C . -10.53 0.21 -28.46
C15 1PE C . -8.33 2.47 -23.81
C15 1PE C . -8.58 1.74 -28.76
C25 1PE C . -8.01 3.81 -24.40
C25 1PE C . -10.05 1.48 -28.80
OH6 1PE C . -9.59 1.94 -24.01
OH6 1PE C . -7.86 1.30 -27.67
C26 1PE C . -9.86 0.61 -23.75
C26 1PE C . -6.48 1.37 -27.63
HO2 1PE C . -15.67 1.64 -26.19
HO2 1PE C . -8.42 5.51 -25.75
H121 1PE C . -15.20 1.16 -28.22
H121 1PE C . -7.14 4.79 -24.16
H122 1PE C . -13.88 1.22 -27.33
H122 1PE C . -7.13 3.81 -25.39
H221 1PE C . -13.83 2.30 -29.48
H221 1PE C . -7.17 2.57 -23.51
H222 1PE C . -14.71 3.44 -28.81
H222 1PE C . -8.42 3.35 -22.97
H131 1PE C . -12.33 5.86 -27.37
H131 1PE C . -11.02 0.36 -23.99
H132 1PE C . -11.55 6.29 -28.66
H132 1PE C . -10.14 -0.92 -23.78
H231 1PE C . -13.31 4.97 -29.19
H231 1PE C . -9.27 0.98 -22.73
H232 1PE C . -11.97 4.31 -29.64
H232 1PE C . -8.26 0.29 -23.70
H141 1PE C . -8.15 4.99 -26.78
H141 1PE C . -12.30 -0.49 -28.06
H142 1PE C . -8.11 6.14 -25.70
H142 1PE C . -11.97 0.91 -27.40
H241 1PE C . -9.59 6.80 -27.29
H241 1PE C . -11.25 -1.61 -26.45
H242 1PE C . -10.45 6.36 -26.05
H242 1PE C . -12.10 -0.52 -25.70
H151 1PE C . -8.17 2.52 -22.85
H151 1PE C . -8.46 2.71 -28.79
H152 1PE C . -7.70 1.83 -24.19
H152 1PE C . -8.17 1.37 -29.56
H251 1PE C . -7.78 4.41 -23.67
H251 1PE C . -10.47 2.12 -28.21
H252 1PE C . -7.22 3.69 -24.96
H252 1PE C . -10.35 1.66 -29.71
H261 1PE C . -9.38 0.07 -24.40
H261 1PE C . -6.14 0.49 -27.35
H262 1PE C . -9.50 0.39 -22.87
H262 1PE C . -6.22 2.03 -26.97
C ACY D . -13.42 17.43 0.34
O ACY D . -12.64 16.62 -0.23
OXT ACY D . -13.04 18.53 0.81
CH3 ACY D . -14.88 17.07 0.46
#